data_6IXX
#
_entry.id   6IXX
#
_cell.length_a   51.664
_cell.length_b   51.852
_cell.length_c   102.142
_cell.angle_alpha   90.000
_cell.angle_beta   97.680
_cell.angle_gamma   90.000
#
_symmetry.space_group_name_H-M   'P 1 21 1'
#
loop_
_entity.id
_entity.type
_entity.pdbx_description
1 polymer 'Alkaline metalloprotease'
2 polymer LupI
3 non-polymer 'CALCIUM ION'
4 non-polymer 'ZINC ION'
5 water water
#
loop_
_entity_poly.entity_id
_entity_poly.type
_entity_poly.pdbx_seq_one_letter_code
_entity_poly.pdbx_strand_id
1 'polypeptide(L)'
;ANGTSSAFTQVDNFSHFYDRGNHLVNGKPSFTVDQAADQLTRSGASWYDLNGDGVINLSYTFLTSPPPGYASRGLGTFSS
FSGLQKEQAKLSLESWADVAKVTFTEGPAARGDDGHMTFANFSASNGGAAFAYLPNSSRKGESWYLINKDYDVNKTPGEG
NYGRQTLTHEIGHTLGLSHPGDYNAGNGNPSYRDAVYGEDTRAYSVMSYWSEKNTGQVFTKTGEGAYASAPLLDDIAAVQ
KLYGANMETRAGDTVYGFNSTADRDYYSATSATDKLIFSVWDGGGNDTLDFSGFSQNQKINLAAGSFSDVGGMTGNVSIA
QGVTIENAIGGSGNDLLLGNAASNILKGGAGNDIIYGGGGADKLWGGSGSDTFVYREVSDSTPKAADTLMDFQTGLDKID
LTGITHLSGLNFVNAFTGQAGDAVVSYNQASNAGSLQVDFSGHGVADFLITTVGQVATYDIVA
;
A
2 'polypeptide(L)'
;SLMLLSPAQVAGSWTFYVQGAEQDACTVTLKKDRTFSAQVSCLQAWLGRTPTTWSPTPDGLLLIGKDGSQSLFLELREAG
RYEGSVEGSKTLVMQRA
;
I
#
# COMPACT_ATOMS: atom_id res chain seq x y z
N ALA A 1 6.56 1.77 -24.57
CA ALA A 1 5.92 3.04 -24.91
C ALA A 1 6.44 3.61 -26.22
N ASN A 2 7.55 3.06 -26.72
CA ASN A 2 8.11 3.52 -27.97
C ASN A 2 7.31 2.95 -29.13
N GLY A 3 6.74 3.84 -29.94
CA GLY A 3 5.87 3.45 -31.02
C GLY A 3 4.48 3.02 -30.60
N THR A 4 4.00 3.45 -29.44
CA THR A 4 2.68 3.03 -28.97
C THR A 4 1.85 4.25 -28.65
N SER A 5 0.57 4.01 -28.35
CA SER A 5 -0.34 5.10 -28.00
C SER A 5 -0.05 5.65 -26.60
N SER A 6 -0.59 6.84 -26.35
CA SER A 6 -0.57 7.42 -25.00
C SER A 6 -1.26 6.51 -24.00
N ALA A 7 -2.40 5.93 -24.39
CA ALA A 7 -3.13 5.06 -23.48
C ALA A 7 -2.31 3.82 -23.10
N PHE A 8 -1.61 3.24 -24.07
CA PHE A 8 -0.74 2.11 -23.72
C PHE A 8 0.39 2.54 -22.80
N THR A 9 1.03 3.67 -23.13
CA THR A 9 2.10 4.19 -22.28
C THR A 9 1.60 4.44 -20.86
N GLN A 10 0.35 4.90 -20.70
CA GLN A 10 -0.19 5.09 -19.37
C GLN A 10 -0.26 3.76 -18.62
N VAL A 11 -0.83 2.74 -19.25
CA VAL A 11 -0.86 1.40 -18.66
C VAL A 11 0.55 0.93 -18.33
N ASP A 12 1.48 1.12 -19.27
CA ASP A 12 2.82 0.56 -19.11
C ASP A 12 3.62 1.31 -18.05
N ASN A 13 3.49 2.63 -18.02
CA ASN A 13 4.04 3.43 -16.92
C ASN A 13 3.57 2.89 -15.57
N PHE A 14 2.26 2.67 -15.45
CA PHE A 14 1.72 2.30 -14.14
C PHE A 14 2.14 0.89 -13.75
N SER A 15 2.18 -0.05 -14.71
CA SER A 15 2.57 -1.41 -14.38
C SER A 15 4.02 -1.51 -13.93
N HIS A 16 4.87 -0.55 -14.32
CA HIS A 16 6.27 -0.57 -13.96
C HIS A 16 6.61 0.41 -12.85
N PHE A 17 5.65 1.25 -12.44
CA PHE A 17 5.91 2.40 -11.57
C PHE A 17 6.53 1.99 -10.24
N TYR A 18 6.12 0.86 -9.68
CA TYR A 18 6.61 0.44 -8.37
C TYR A 18 7.56 -0.76 -8.47
N ASP A 19 8.26 -0.91 -9.60
CA ASP A 19 9.19 -2.01 -9.79
C ASP A 19 10.31 -1.97 -8.76
N ARG A 20 10.80 -3.17 -8.38
CA ARG A 20 11.77 -3.31 -7.29
C ARG A 20 12.94 -4.17 -7.74
N GLY A 21 14.11 -3.86 -7.23
CA GLY A 21 15.28 -4.69 -7.44
C GLY A 21 16.19 -4.18 -8.55
N ASN A 22 17.49 -4.43 -8.40
CA ASN A 22 18.50 -4.20 -9.46
C ASN A 22 18.53 -2.76 -9.95
N HIS A 23 18.29 -1.81 -9.05
CA HIS A 23 18.51 -0.39 -9.33
C HIS A 23 18.54 0.33 -7.99
N LEU A 24 18.66 1.66 -8.06
CA LEU A 24 18.72 2.50 -6.88
C LEU A 24 17.43 3.28 -6.71
N VAL A 25 17.00 3.41 -5.45
CA VAL A 25 15.87 4.22 -5.03
C VAL A 25 16.38 5.14 -3.93
N ASN A 26 16.30 6.45 -4.15
CA ASN A 26 16.76 7.44 -3.18
C ASN A 26 18.22 7.19 -2.80
N GLY A 27 19.04 6.80 -3.79
CA GLY A 27 20.45 6.59 -3.55
C GLY A 27 20.81 5.30 -2.84
N LYS A 28 19.84 4.41 -2.65
CA LYS A 28 19.99 3.15 -1.95
C LYS A 28 19.64 1.99 -2.86
N PRO A 29 20.14 0.79 -2.57
CA PRO A 29 19.72 -0.40 -3.32
C PRO A 29 18.22 -0.60 -3.24
N SER A 30 17.58 -0.84 -4.39
CA SER A 30 16.20 -1.32 -4.41
C SER A 30 16.17 -2.81 -4.05
N PHE A 31 15.41 -3.15 -3.02
CA PHE A 31 15.22 -4.54 -2.63
C PHE A 31 13.88 -5.04 -3.15
N THR A 32 13.87 -6.25 -3.71
CA THR A 32 12.64 -6.95 -4.01
C THR A 32 11.91 -7.29 -2.70
N VAL A 33 10.66 -7.77 -2.84
CA VAL A 33 9.94 -8.29 -1.69
C VAL A 33 10.78 -9.35 -0.96
N ASP A 34 11.34 -10.30 -1.71
CA ASP A 34 12.09 -11.39 -1.06
C ASP A 34 13.33 -10.86 -0.34
N GLN A 35 14.03 -9.89 -0.94
CA GLN A 35 15.18 -9.28 -0.28
C GLN A 35 14.79 -8.56 1.01
N ALA A 36 13.70 -7.78 0.96
CA ALA A 36 13.21 -7.11 2.15
C ALA A 36 12.78 -8.12 3.21
N ALA A 37 12.12 -9.20 2.81
CA ALA A 37 11.77 -10.24 3.78
C ALA A 37 13.02 -10.83 4.44
N ASP A 38 14.10 -11.00 3.68
CA ASP A 38 15.35 -11.47 4.27
C ASP A 38 15.85 -10.51 5.33
N GLN A 39 15.84 -9.21 5.01
CA GLN A 39 16.37 -8.21 5.93
C GLN A 39 15.49 -8.12 7.18
N LEU A 40 14.17 -8.19 7.02
CA LEU A 40 13.25 -8.17 8.16
C LEU A 40 13.44 -9.38 9.07
N THR A 41 13.99 -10.48 8.56
CA THR A 41 14.20 -11.68 9.37
C THR A 41 15.67 -11.96 9.62
N ARG A 42 16.54 -10.95 9.52
CA ARG A 42 17.97 -11.20 9.55
C ARG A 42 18.47 -11.63 10.92
N SER A 43 17.71 -11.41 11.99
CA SER A 43 18.17 -11.87 13.29
C SER A 43 18.22 -13.39 13.39
N GLY A 44 17.45 -14.11 12.56
CA GLY A 44 17.37 -15.54 12.68
C GLY A 44 16.50 -16.04 13.83
N ALA A 45 15.89 -15.15 14.60
CA ALA A 45 15.03 -15.54 15.71
C ALA A 45 13.69 -16.06 15.20
N SER A 46 13.19 -17.09 15.88
CA SER A 46 11.95 -17.76 15.49
C SER A 46 11.29 -18.36 16.73
N TRP A 47 10.00 -18.65 16.62
CA TRP A 47 9.40 -19.66 17.48
C TRP A 47 9.56 -21.02 16.81
N TYR A 48 9.38 -22.08 17.59
CA TYR A 48 9.51 -23.43 17.05
C TYR A 48 8.27 -24.27 17.36
N ASP A 49 7.98 -25.21 16.45
CA ASP A 49 6.81 -26.08 16.53
C ASP A 49 7.09 -27.22 17.50
N LEU A 50 7.15 -26.86 18.78
CA LEU A 50 7.59 -27.80 19.82
C LEU A 50 6.70 -29.02 19.89
N ASN A 51 5.39 -28.86 19.73
CA ASN A 51 4.47 -29.98 19.80
C ASN A 51 4.27 -30.66 18.45
N GLY A 52 5.05 -30.29 17.43
CA GLY A 52 5.02 -30.93 16.13
C GLY A 52 3.67 -31.11 15.46
N ASP A 53 2.97 -30.01 15.17
CA ASP A 53 1.70 -30.09 14.47
C ASP A 53 1.63 -29.15 13.27
N GLY A 54 2.75 -28.56 12.87
CA GLY A 54 2.82 -27.70 11.69
C GLY A 54 2.47 -26.25 11.90
N VAL A 55 2.35 -25.81 13.15
CA VAL A 55 1.76 -24.51 13.49
C VAL A 55 2.44 -24.00 14.74
N ILE A 56 2.62 -22.68 14.82
CA ILE A 56 3.06 -22.06 16.06
C ILE A 56 1.82 -21.64 16.85
N ASN A 57 1.51 -22.38 17.92
CA ASN A 57 0.34 -22.09 18.73
C ASN A 57 0.78 -21.40 20.02
N LEU A 58 0.34 -20.16 20.20
CA LEU A 58 0.83 -19.29 21.26
C LEU A 58 -0.30 -18.82 22.17
N SER A 59 0.00 -18.73 23.46
CA SER A 59 -0.88 -18.12 24.45
C SER A 59 -0.49 -16.66 24.65
N TYR A 60 -1.42 -15.87 25.17
CA TYR A 60 -1.08 -14.50 25.51
C TYR A 60 -1.96 -14.01 26.64
N THR A 61 -1.38 -13.14 27.47
CA THR A 61 -2.06 -12.57 28.63
C THR A 61 -1.86 -11.06 28.63
N PHE A 62 -2.94 -10.34 28.92
CA PHE A 62 -2.82 -8.94 29.29
C PHE A 62 -2.49 -8.90 30.78
N LEU A 63 -1.37 -8.29 31.14
CA LEU A 63 -0.91 -8.32 32.52
C LEU A 63 -1.83 -7.47 33.41
N THR A 64 -2.27 -8.06 34.51
CA THR A 64 -3.14 -7.39 35.46
C THR A 64 -2.38 -6.77 36.62
N SER A 65 -1.16 -7.25 36.86
CA SER A 65 -0.31 -6.76 37.94
C SER A 65 1.12 -6.84 37.45
N PRO A 66 2.02 -6.05 38.02
CA PRO A 66 3.42 -6.07 37.59
C PRO A 66 4.02 -7.46 37.77
N PRO A 67 4.68 -8.00 36.75
CA PRO A 67 5.26 -9.35 36.85
C PRO A 67 6.43 -9.36 37.82
N PRO A 68 6.81 -10.53 38.32
CA PRO A 68 7.85 -10.59 39.37
C PRO A 68 9.14 -9.91 38.93
N GLY A 69 9.60 -8.95 39.73
CA GLY A 69 10.83 -8.24 39.44
C GLY A 69 10.66 -7.06 38.50
N TYR A 70 9.43 -6.54 38.37
CA TYR A 70 9.18 -5.44 37.44
C TYR A 70 9.99 -4.20 37.81
N ALA A 71 10.06 -3.88 39.11
CA ALA A 71 10.80 -2.69 39.53
C ALA A 71 12.28 -2.81 39.16
N SER A 72 12.83 -4.03 39.15
CA SER A 72 14.18 -4.25 38.68
C SER A 72 14.44 -3.57 37.34
N ARG A 73 13.46 -3.62 36.44
CA ARG A 73 13.66 -3.21 35.05
C ARG A 73 13.69 -1.69 34.85
N GLY A 74 13.21 -0.92 35.82
CA GLY A 74 13.24 0.53 35.73
C GLY A 74 12.41 1.08 34.60
N LEU A 75 11.13 0.73 34.58
CA LEU A 75 10.22 1.14 33.52
C LEU A 75 9.20 2.17 33.98
N GLY A 76 9.28 2.63 35.23
CA GLY A 76 8.28 3.55 35.72
C GLY A 76 6.98 2.83 36.04
N THR A 77 5.91 3.62 36.17
CA THR A 77 4.64 3.12 36.70
C THR A 77 3.95 2.16 35.72
N PHE A 78 3.60 0.98 36.22
CA PHE A 78 2.95 -0.05 35.43
C PHE A 78 1.47 0.26 35.21
N SER A 79 0.93 -0.22 34.09
CA SER A 79 -0.46 -0.02 33.70
C SER A 79 -0.99 -1.29 33.05
N SER A 80 -2.20 -1.69 33.44
CA SER A 80 -2.91 -2.71 32.67
C SER A 80 -3.49 -2.11 31.39
N PHE A 81 -3.61 -2.95 30.37
CA PHE A 81 -4.26 -2.54 29.14
C PHE A 81 -5.71 -2.14 29.40
N SER A 82 -6.12 -1.02 28.81
CA SER A 82 -7.52 -0.61 28.84
C SER A 82 -8.36 -1.50 27.92
N GLY A 83 -9.68 -1.40 28.07
CA GLY A 83 -10.57 -2.14 27.17
C GLY A 83 -10.24 -1.89 25.71
N LEU A 84 -10.02 -0.62 25.36
CA LEU A 84 -9.71 -0.27 23.97
C LEU A 84 -8.40 -0.89 23.52
N GLN A 85 -7.39 -0.88 24.37
CA GLN A 85 -6.11 -1.48 24.01
C GLN A 85 -6.26 -2.98 23.76
N LYS A 86 -7.04 -3.66 24.59
CA LYS A 86 -7.29 -5.08 24.40
C LYS A 86 -7.98 -5.35 23.05
N GLU A 87 -9.08 -4.62 22.79
CA GLU A 87 -9.81 -4.84 21.54
C GLU A 87 -8.92 -4.62 20.32
N GLN A 88 -8.14 -3.53 20.32
CA GLN A 88 -7.31 -3.24 19.16
C GLN A 88 -6.16 -4.22 19.05
N ALA A 89 -5.60 -4.65 20.18
CA ALA A 89 -4.54 -5.66 20.15
C ALA A 89 -5.07 -6.97 19.59
N LYS A 90 -6.28 -7.36 19.97
CA LYS A 90 -6.87 -8.56 19.39
C LYS A 90 -6.98 -8.44 17.87
N LEU A 91 -7.35 -7.25 17.38
CA LEU A 91 -7.42 -7.06 15.94
C LEU A 91 -6.04 -7.15 15.29
N SER A 92 -5.00 -6.60 15.96
CA SER A 92 -3.64 -6.68 15.42
C SER A 92 -3.15 -8.13 15.37
N LEU A 93 -3.30 -8.85 16.48
CA LEU A 93 -2.93 -10.25 16.50
C LEU A 93 -3.65 -11.02 15.40
N GLU A 94 -4.94 -10.78 15.24
CA GLU A 94 -5.70 -11.44 14.17
C GLU A 94 -5.07 -11.20 12.81
N SER A 95 -4.62 -9.97 12.54
CA SER A 95 -4.09 -9.69 11.21
C SER A 95 -2.76 -10.39 10.97
N TRP A 96 -2.02 -10.76 12.02
CA TRP A 96 -0.84 -11.60 11.81
C TRP A 96 -1.24 -13.06 11.62
N ALA A 97 -2.16 -13.55 12.45
CA ALA A 97 -2.60 -14.94 12.33
C ALA A 97 -3.25 -15.18 10.98
N ASP A 98 -3.82 -14.14 10.37
CA ASP A 98 -4.44 -14.27 9.06
C ASP A 98 -3.46 -14.76 8.00
N VAL A 99 -2.19 -14.34 8.08
CA VAL A 99 -1.27 -14.49 6.94
C VAL A 99 -0.28 -15.64 7.13
N ALA A 100 0.01 -16.01 8.37
CA ALA A 100 1.03 -17.02 8.64
C ALA A 100 0.50 -18.06 9.63
N LYS A 101 1.14 -19.23 9.63
CA LYS A 101 0.69 -20.37 10.42
C LYS A 101 1.11 -20.24 11.90
N VAL A 102 0.58 -19.18 12.51
CA VAL A 102 0.71 -18.92 13.94
C VAL A 102 -0.68 -18.58 14.48
N THR A 103 -0.99 -19.11 15.67
CA THR A 103 -2.27 -18.84 16.32
C THR A 103 -2.02 -18.13 17.65
N PHE A 104 -2.89 -17.16 17.96
CA PHE A 104 -2.87 -16.46 19.24
C PHE A 104 -4.17 -16.76 19.97
N THR A 105 -4.08 -17.41 21.12
CA THR A 105 -5.25 -17.65 21.94
C THR A 105 -4.97 -17.16 23.35
N GLU A 106 -5.82 -16.26 23.84
CA GLU A 106 -5.62 -15.65 25.15
C GLU A 106 -5.74 -16.69 26.25
N GLY A 107 -4.88 -16.58 27.26
CA GLY A 107 -4.85 -17.51 28.35
C GLY A 107 -3.49 -17.58 29.00
N PRO A 108 -3.37 -18.35 30.07
CA PRO A 108 -2.07 -18.55 30.71
C PRO A 108 -1.21 -19.52 29.92
N ALA A 109 0.10 -19.49 30.21
CA ALA A 109 1.00 -20.46 29.59
C ALA A 109 0.61 -21.88 29.98
N ALA A 110 0.47 -22.75 28.97
CA ALA A 110 -0.01 -24.12 29.18
C ALA A 110 0.95 -25.09 28.51
N ARG A 111 0.78 -26.38 28.85
CA ARG A 111 1.72 -27.40 28.39
C ARG A 111 1.69 -27.58 26.88
N GLY A 112 0.54 -27.36 26.24
CA GLY A 112 0.47 -27.49 24.79
C GLY A 112 1.15 -26.37 24.02
N ASP A 113 1.50 -25.27 24.69
CA ASP A 113 1.92 -24.05 24.00
C ASP A 113 3.30 -24.18 23.35
N ASP A 114 3.44 -23.55 22.18
CA ASP A 114 4.76 -23.25 21.65
C ASP A 114 5.37 -22.02 22.32
N GLY A 115 4.58 -21.26 23.07
CA GLY A 115 5.10 -20.08 23.76
C GLY A 115 3.96 -19.25 24.33
N HIS A 116 4.35 -18.21 25.07
CA HIS A 116 3.44 -17.32 25.75
C HIS A 116 3.85 -15.86 25.56
N MET A 117 2.86 -14.98 25.38
CA MET A 117 3.08 -13.54 25.17
C MET A 117 2.42 -12.73 26.27
N THR A 118 2.96 -11.52 26.50
CA THR A 118 2.45 -10.61 27.53
C THR A 118 2.29 -9.20 26.98
N PHE A 119 1.25 -8.50 27.45
CA PHE A 119 0.93 -7.13 27.04
C PHE A 119 0.69 -6.29 28.29
N ALA A 120 1.37 -5.14 28.39
CA ALA A 120 1.16 -4.19 29.48
C ALA A 120 1.81 -2.86 29.11
N ASN A 121 1.50 -1.83 29.89
CA ASN A 121 2.04 -0.49 29.69
C ASN A 121 3.08 -0.15 30.75
N PHE A 122 4.00 0.75 30.38
CA PHE A 122 4.99 1.33 31.28
C PHE A 122 4.95 2.84 31.12
N SER A 123 5.60 3.56 32.04
CA SER A 123 5.46 5.01 32.10
C SER A 123 6.72 5.81 31.85
N ALA A 124 7.91 5.22 31.97
CA ALA A 124 9.15 5.96 31.84
C ALA A 124 9.93 5.42 30.66
N SER A 125 10.14 6.25 29.64
CA SER A 125 10.85 5.83 28.44
C SER A 125 12.14 6.58 28.29
N ASN A 126 13.10 5.94 27.63
CA ASN A 126 14.33 6.61 27.24
C ASN A 126 14.30 7.01 25.77
N GLY A 127 13.14 6.98 25.14
CA GLY A 127 13.01 7.49 23.79
C GLY A 127 11.96 6.75 22.96
N GLY A 128 11.72 5.48 23.27
CA GLY A 128 10.81 4.68 22.49
C GLY A 128 9.38 4.76 23.00
N ALA A 129 8.44 4.70 22.06
CA ALA A 129 7.02 4.69 22.38
C ALA A 129 6.55 3.30 22.83
N ALA A 130 7.33 2.26 22.54
CA ALA A 130 6.99 0.88 22.86
C ALA A 130 8.22 0.03 22.54
N PHE A 131 8.25 -1.19 23.06
CA PHE A 131 9.32 -2.13 22.77
C PHE A 131 8.85 -3.57 23.01
N ALA A 132 9.61 -4.50 22.47
CA ALA A 132 9.28 -5.92 22.51
C ALA A 132 10.58 -6.71 22.40
N TYR A 133 10.48 -8.02 22.54
CA TYR A 133 11.63 -8.90 22.50
C TYR A 133 11.48 -9.94 21.41
N LEU A 134 12.61 -10.27 20.77
CA LEU A 134 12.64 -11.29 19.73
C LEU A 134 12.44 -12.67 20.33
N PRO A 135 11.91 -13.63 19.56
CA PRO A 135 11.53 -14.93 20.13
C PRO A 135 12.68 -15.82 20.58
N ASN A 136 13.93 -15.40 20.40
CA ASN A 136 15.06 -16.14 20.95
C ASN A 136 15.56 -15.55 22.26
N SER A 137 14.94 -14.47 22.72
CA SER A 137 15.31 -13.85 23.98
C SER A 137 14.75 -14.63 25.16
N SER A 138 15.29 -14.34 26.34
CA SER A 138 14.74 -14.87 27.57
C SER A 138 13.37 -14.28 27.85
N ARG A 139 13.11 -13.06 27.36
CA ARG A 139 11.83 -12.41 27.51
C ARG A 139 10.97 -12.53 26.25
N LYS A 140 11.18 -13.59 25.48
CA LYS A 140 10.37 -13.85 24.31
C LYS A 140 8.90 -13.75 24.64
N GLY A 141 8.14 -13.12 23.73
CA GLY A 141 6.71 -12.94 23.91
C GLY A 141 6.30 -11.64 24.56
N GLU A 142 7.22 -10.90 25.16
CA GLU A 142 6.86 -9.68 25.88
C GLU A 142 6.89 -8.47 24.95
N SER A 143 5.86 -7.62 25.06
CA SER A 143 5.85 -6.31 24.42
C SER A 143 5.22 -5.32 25.39
N TRP A 144 5.74 -4.08 25.36
CA TRP A 144 5.40 -3.04 26.32
C TRP A 144 5.16 -1.73 25.58
N TYR A 145 4.27 -0.90 26.14
CA TYR A 145 3.72 0.25 25.44
C TYR A 145 3.67 1.46 26.38
N LEU A 146 4.21 2.59 25.93
CA LEU A 146 4.46 3.72 26.82
C LEU A 146 3.21 4.57 27.00
N ILE A 147 2.89 4.88 28.26
CA ILE A 147 1.77 5.75 28.61
C ILE A 147 2.19 6.60 29.81
N ASN A 148 2.32 7.90 29.61
CA ASN A 148 2.52 8.87 30.69
C ASN A 148 1.78 10.14 30.30
N LYS A 149 1.89 11.19 31.12
CA LYS A 149 1.09 12.38 30.87
C LYS A 149 1.74 13.33 29.86
N ASP A 150 2.73 12.86 29.10
CA ASP A 150 3.20 13.58 27.93
C ASP A 150 3.13 12.72 26.67
N TYR A 151 2.61 11.50 26.77
CA TYR A 151 2.46 10.62 25.62
C TYR A 151 1.20 9.80 25.82
N ASP A 152 0.14 10.12 25.07
CA ASP A 152 -1.10 9.36 25.17
C ASP A 152 -1.44 8.63 23.87
N VAL A 153 -0.52 8.63 22.89
CA VAL A 153 -0.83 8.03 21.60
C VAL A 153 -1.26 6.58 21.78
N ASN A 154 -0.62 5.85 22.70
CA ASN A 154 -0.95 4.45 22.92
C ASN A 154 -2.22 4.24 23.72
N LYS A 155 -2.77 5.30 24.33
CA LYS A 155 -4.06 5.16 24.99
C LYS A 155 -5.22 5.08 23.98
N THR A 156 -5.02 5.55 22.75
CA THR A 156 -6.12 5.69 21.79
C THR A 156 -5.82 5.01 20.45
N PRO A 157 -5.51 3.72 20.45
CA PRO A 157 -5.31 3.02 19.18
C PRO A 157 -6.64 2.86 18.45
N GLY A 158 -6.57 2.95 17.13
CA GLY A 158 -7.74 2.77 16.28
C GLY A 158 -7.29 2.54 14.86
N GLU A 159 -8.22 2.06 14.04
CA GLU A 159 -7.90 1.80 12.64
C GLU A 159 -7.31 3.04 12.00
N GLY A 160 -6.23 2.85 11.25
CA GLY A 160 -5.56 3.93 10.54
C GLY A 160 -4.64 4.80 11.37
N ASN A 161 -4.60 4.66 12.69
CA ASN A 161 -3.76 5.57 13.46
C ASN A 161 -2.50 4.87 13.98
N TYR A 162 -1.61 5.69 14.53
CA TYR A 162 -0.28 5.21 14.88
C TYR A 162 -0.32 4.31 16.11
N GLY A 163 -1.28 4.53 17.01
CA GLY A 163 -1.40 3.64 18.15
C GLY A 163 -1.67 2.20 17.74
N ARG A 164 -2.55 2.02 16.75
CA ARG A 164 -2.84 0.67 16.30
C ARG A 164 -1.66 0.07 15.53
N GLN A 165 -1.01 0.88 14.69
CA GLN A 165 0.15 0.34 13.96
C GLN A 165 1.24 -0.06 14.93
N THR A 166 1.35 0.66 16.06
CA THR A 166 2.39 0.34 17.03
C THR A 166 2.15 -1.04 17.62
N LEU A 167 0.88 -1.39 17.89
CA LEU A 167 0.58 -2.74 18.35
C LEU A 167 0.97 -3.78 17.30
N THR A 168 0.55 -3.57 16.05
CA THR A 168 0.98 -4.46 14.97
C THR A 168 2.50 -4.56 14.90
N HIS A 169 3.19 -3.43 15.03
CA HIS A 169 4.64 -3.38 14.89
C HIS A 169 5.34 -4.16 16.00
N GLU A 170 5.00 -3.87 17.27
CA GLU A 170 5.66 -4.57 18.38
C GLU A 170 5.31 -6.06 18.39
N ILE A 171 4.08 -6.41 18.01
CA ILE A 171 3.77 -7.83 17.84
C ILE A 171 4.67 -8.44 16.77
N GLY A 172 4.93 -7.69 15.70
CA GLY A 172 5.87 -8.15 14.69
C GLY A 172 7.25 -8.48 15.25
N HIS A 173 7.74 -7.64 16.16
CA HIS A 173 8.99 -7.96 16.86
C HIS A 173 8.87 -9.31 17.58
N THR A 174 7.81 -9.48 18.37
CA THR A 174 7.68 -10.73 19.14
C THR A 174 7.65 -11.96 18.24
N LEU A 175 7.26 -11.81 16.98
CA LEU A 175 7.25 -12.89 16.00
C LEU A 175 8.61 -13.15 15.35
N GLY A 176 9.58 -12.24 15.46
CA GLY A 176 10.87 -12.46 14.84
C GLY A 176 11.29 -11.48 13.77
N LEU A 177 10.54 -10.38 13.60
CA LEU A 177 10.90 -9.32 12.67
C LEU A 177 11.71 -8.24 13.37
N SER A 178 12.72 -7.72 12.66
CA SER A 178 13.48 -6.57 13.11
C SER A 178 13.02 -5.32 12.36
N HIS A 179 13.52 -4.18 12.82
CA HIS A 179 13.44 -3.00 11.96
C HIS A 179 14.20 -3.29 10.66
N PRO A 180 13.76 -2.74 9.53
CA PRO A 180 14.49 -2.96 8.27
C PRO A 180 15.93 -2.46 8.30
N GLY A 181 16.30 -1.62 9.27
CA GLY A 181 17.67 -1.18 9.39
C GLY A 181 18.09 -1.30 10.85
N ASP A 182 19.39 -1.19 11.08
CA ASP A 182 19.90 -1.27 12.44
C ASP A 182 19.77 0.10 13.09
N TYR A 183 18.56 0.37 13.60
CA TYR A 183 18.25 1.62 14.27
C TYR A 183 17.19 1.39 15.31
N ASN A 184 17.11 2.30 16.28
CA ASN A 184 16.15 2.18 17.36
C ASN A 184 15.88 3.55 17.96
N ALA A 185 14.61 3.81 18.25
CA ALA A 185 14.19 5.07 18.87
C ALA A 185 14.92 5.28 20.19
N GLY A 186 15.43 6.50 20.40
CA GLY A 186 16.18 6.84 21.59
C GLY A 186 17.68 6.66 21.47
N ASN A 187 18.15 5.98 20.43
CA ASN A 187 19.57 5.78 20.20
C ASN A 187 19.98 6.71 19.05
N GLY A 188 20.60 7.84 19.39
CA GLY A 188 20.98 8.80 18.36
C GLY A 188 19.77 9.41 17.66
N ASN A 189 20.01 9.88 16.43
CA ASN A 189 18.97 10.48 15.60
C ASN A 189 18.93 9.79 14.24
N PRO A 190 18.39 8.57 14.19
CA PRO A 190 18.43 7.81 12.93
C PRO A 190 17.71 8.57 11.81
N SER A 191 18.06 8.22 10.57
CA SER A 191 17.51 8.92 9.42
C SER A 191 17.29 7.94 8.27
N TYR A 192 16.30 8.23 7.44
CA TYR A 192 16.10 7.45 6.22
C TYR A 192 17.32 7.54 5.29
N ARG A 193 18.05 8.65 5.35
CA ARG A 193 19.26 8.80 4.53
C ARG A 193 20.21 7.62 4.66
N ASP A 194 20.29 7.02 5.85
CA ASP A 194 21.17 5.90 6.10
C ASP A 194 20.45 4.56 6.08
N ALA A 195 19.26 4.49 5.48
CA ALA A 195 18.58 3.22 5.39
C ALA A 195 19.37 2.22 4.53
N VAL A 196 19.09 0.93 4.72
CA VAL A 196 19.83 -0.10 3.99
C VAL A 196 19.31 -0.24 2.54
N TYR A 197 18.02 -0.02 2.32
CA TYR A 197 17.46 -0.16 0.99
C TYR A 197 16.34 0.86 0.85
N GLY A 198 15.99 1.15 -0.41
CA GLY A 198 15.11 2.27 -0.67
C GLY A 198 13.72 2.07 -0.10
N GLU A 199 13.24 0.85 -0.14
CA GLU A 199 11.88 0.52 0.25
C GLU A 199 11.71 0.31 1.75
N ASP A 200 12.64 0.83 2.56
CA ASP A 200 12.44 0.92 4.00
C ASP A 200 11.60 2.17 4.31
N THR A 201 10.30 2.05 4.01
CA THR A 201 9.34 3.05 4.45
C THR A 201 8.03 2.35 4.85
N ARG A 202 7.15 3.14 5.46
CA ARG A 202 5.84 2.71 5.91
C ARG A 202 4.88 2.36 4.75
N ALA A 203 5.30 2.51 3.49
CA ALA A 203 4.51 1.97 2.40
C ALA A 203 4.73 0.46 2.20
N TYR A 204 5.83 -0.07 2.72
CA TYR A 204 6.21 -1.46 2.47
C TYR A 204 6.22 -2.33 3.72
N SER A 205 6.39 -1.76 4.91
CA SER A 205 6.44 -2.57 6.12
C SER A 205 6.10 -1.71 7.32
N VAL A 206 5.23 -2.22 8.19
CA VAL A 206 4.94 -1.54 9.44
C VAL A 206 6.12 -1.53 10.39
N MET A 207 7.21 -2.22 10.05
CA MET A 207 8.41 -2.22 10.89
C MET A 207 9.31 -1.03 10.60
N SER A 208 9.10 -0.33 9.48
CA SER A 208 9.93 0.80 9.13
C SER A 208 9.67 1.98 10.06
N TYR A 209 10.72 2.78 10.30
CA TYR A 209 10.55 4.08 10.96
C TYR A 209 10.17 5.21 10.00
N TRP A 210 10.33 5.02 8.69
CA TRP A 210 10.42 6.14 7.77
C TRP A 210 9.14 6.37 6.98
N SER A 211 8.77 7.64 6.84
CA SER A 211 7.51 8.01 6.20
C SER A 211 7.45 7.47 4.78
N GLU A 212 6.26 6.98 4.40
CA GLU A 212 6.05 6.53 3.03
C GLU A 212 6.35 7.63 2.03
N LYS A 213 6.16 8.90 2.41
CA LYS A 213 6.41 9.99 1.47
C LYS A 213 7.86 9.99 0.98
N ASN A 214 8.79 9.41 1.75
CA ASN A 214 10.17 9.29 1.31
C ASN A 214 10.28 8.55 -0.02
N THR A 215 9.44 7.57 -0.27
CA THR A 215 9.44 6.87 -1.54
C THR A 215 8.35 7.35 -2.49
N GLY A 216 7.68 8.46 -2.17
CA GLY A 216 6.75 9.10 -3.08
C GLY A 216 5.28 8.84 -2.80
N GLN A 217 4.97 7.85 -1.99
CA GLN A 217 3.58 7.49 -1.74
C GLN A 217 2.85 8.62 -1.01
N VAL A 218 1.61 8.88 -1.43
CA VAL A 218 0.77 9.90 -0.82
C VAL A 218 -0.30 9.16 -0.02
N PHE A 219 -0.15 9.12 1.30
CA PHE A 219 -1.18 8.57 2.17
C PHE A 219 -2.02 9.67 2.84
N THR A 220 -1.80 10.92 2.48
CA THR A 220 -2.54 12.02 3.09
C THR A 220 -3.83 12.26 2.31
N LYS A 221 -4.91 12.44 3.05
CA LYS A 221 -6.20 12.77 2.48
C LYS A 221 -6.91 13.66 3.49
N THR A 222 -7.62 14.66 2.97
CA THR A 222 -8.35 15.63 3.78
C THR A 222 -7.53 16.11 4.98
N GLY A 223 -6.27 16.47 4.71
CA GLY A 223 -5.46 17.25 5.63
C GLY A 223 -4.62 16.48 6.63
N GLU A 224 -4.55 15.15 6.50
CA GLU A 224 -3.91 14.31 7.50
C GLU A 224 -3.56 12.98 6.87
N GLY A 225 -2.47 12.36 7.36
CA GLY A 225 -2.06 11.07 6.88
C GLY A 225 -2.69 9.92 7.68
N ALA A 226 -2.37 8.70 7.26
CA ALA A 226 -2.80 7.51 7.99
C ALA A 226 -1.67 6.49 8.01
N TYR A 227 -1.88 5.43 8.79
CA TYR A 227 -0.91 4.38 9.05
C TYR A 227 -1.59 3.04 8.87
N ALA A 228 -0.98 2.15 8.09
CA ALA A 228 -1.49 0.78 7.94
C ALA A 228 -1.66 0.10 9.29
N SER A 229 -2.86 -0.45 9.53
CA SER A 229 -3.12 -1.17 10.77
C SER A 229 -2.65 -2.61 10.75
N ALA A 230 -2.43 -3.18 9.58
CA ALA A 230 -2.18 -4.60 9.39
C ALA A 230 -0.89 -4.79 8.61
N PRO A 231 -0.30 -5.99 8.63
CA PRO A 231 1.00 -6.19 7.97
C PRO A 231 0.96 -5.79 6.51
N LEU A 232 2.05 -5.16 6.06
CA LEU A 232 2.17 -4.71 4.69
C LEU A 232 2.88 -5.78 3.85
N LEU A 233 3.15 -5.43 2.58
CA LEU A 233 3.60 -6.42 1.60
C LEU A 233 4.84 -7.16 2.08
N ASP A 234 5.85 -6.42 2.54
CA ASP A 234 7.09 -7.06 2.97
C ASP A 234 6.94 -7.79 4.31
N ASP A 235 6.12 -7.24 5.22
CA ASP A 235 5.81 -7.94 6.48
C ASP A 235 5.21 -9.32 6.21
N ILE A 236 4.25 -9.37 5.28
CA ILE A 236 3.59 -10.63 4.97
C ILE A 236 4.59 -11.65 4.44
N ALA A 237 5.46 -11.21 3.54
CA ALA A 237 6.47 -12.11 2.98
C ALA A 237 7.43 -12.58 4.06
N ALA A 238 7.78 -11.69 4.99
CA ALA A 238 8.73 -12.07 6.04
C ALA A 238 8.12 -13.07 7.01
N VAL A 239 6.95 -12.76 7.57
CA VAL A 239 6.37 -13.68 8.55
C VAL A 239 6.02 -15.01 7.89
N GLN A 240 5.72 -14.99 6.59
CA GLN A 240 5.45 -16.25 5.91
C GLN A 240 6.73 -17.04 5.69
N LYS A 241 7.86 -16.35 5.46
CA LYS A 241 9.12 -17.06 5.36
C LYS A 241 9.43 -17.81 6.65
N LEU A 242 9.02 -17.25 7.80
CA LEU A 242 9.31 -17.85 9.10
C LEU A 242 8.41 -19.05 9.38
N TYR A 243 7.10 -18.90 9.20
CA TYR A 243 6.14 -19.87 9.69
C TYR A 243 5.22 -20.48 8.64
N GLY A 244 5.27 -20.01 7.40
CA GLY A 244 4.44 -20.57 6.35
C GLY A 244 3.13 -19.83 6.17
N ALA A 245 2.68 -19.78 4.92
CA ALA A 245 1.46 -19.05 4.58
C ALA A 245 0.20 -19.76 5.08
N ASN A 246 -0.73 -18.99 5.64
CA ASN A 246 -2.02 -19.52 6.08
C ASN A 246 -2.98 -19.49 4.89
N MET A 247 -3.11 -20.63 4.21
CA MET A 247 -3.97 -20.76 3.04
C MET A 247 -5.44 -20.89 3.40
N GLU A 248 -5.78 -21.04 4.67
CA GLU A 248 -7.18 -21.20 5.06
C GLU A 248 -7.92 -19.87 5.06
N THR A 249 -7.18 -18.76 5.18
CA THR A 249 -7.81 -17.45 5.35
C THR A 249 -8.53 -17.01 4.09
N ARG A 250 -9.79 -16.60 4.24
CA ARG A 250 -10.58 -16.05 3.14
C ARG A 250 -10.45 -16.90 1.88
N ALA A 251 -10.59 -18.21 2.05
CA ALA A 251 -10.39 -19.15 0.94
C ALA A 251 -11.59 -19.24 0.00
N GLY A 252 -12.72 -18.65 0.36
CA GLY A 252 -13.86 -18.54 -0.54
C GLY A 252 -13.83 -17.25 -1.32
N ASP A 253 -14.96 -16.92 -1.95
CA ASP A 253 -15.03 -15.68 -2.73
C ASP A 253 -15.05 -14.47 -1.79
N THR A 254 -14.12 -13.54 -2.00
CA THR A 254 -13.94 -12.41 -1.10
C THR A 254 -13.99 -11.09 -1.86
N VAL A 255 -14.67 -10.10 -1.28
CA VAL A 255 -14.65 -8.73 -1.78
C VAL A 255 -13.84 -7.89 -0.80
N TYR A 256 -12.94 -7.07 -1.33
CA TYR A 256 -12.20 -6.12 -0.52
C TYR A 256 -12.57 -4.70 -0.95
N GLY A 257 -12.56 -3.79 0.03
CA GLY A 257 -12.83 -2.38 -0.24
C GLY A 257 -14.27 -2.03 0.11
N PHE A 258 -14.99 -1.43 -0.84
CA PHE A 258 -16.42 -1.22 -0.68
C PHE A 258 -17.14 -2.55 -0.80
N ASN A 259 -18.25 -2.69 -0.07
CA ASN A 259 -19.01 -3.94 -0.01
C ASN A 259 -18.12 -5.09 0.45
N SER A 260 -17.20 -4.81 1.37
CA SER A 260 -16.22 -5.81 1.73
C SER A 260 -16.88 -7.00 2.43
N THR A 261 -16.49 -8.21 2.02
CA THR A 261 -16.83 -9.41 2.77
C THR A 261 -15.64 -9.96 3.54
N ALA A 262 -14.57 -9.17 3.68
CA ALA A 262 -13.36 -9.64 4.33
C ALA A 262 -13.46 -9.65 5.85
N ASP A 263 -14.38 -8.88 6.44
CA ASP A 263 -14.62 -8.85 7.89
C ASP A 263 -13.39 -8.34 8.66
N ARG A 264 -12.68 -7.37 8.08
CA ARG A 264 -11.54 -6.71 8.73
C ARG A 264 -11.67 -5.21 8.57
N ASP A 265 -11.44 -4.46 9.66
CA ASP A 265 -11.62 -3.01 9.57
C ASP A 265 -10.69 -2.39 8.53
N TYR A 266 -9.46 -2.88 8.42
CA TYR A 266 -8.53 -2.25 7.48
C TYR A 266 -8.82 -2.61 6.02
N TYR A 267 -9.63 -3.63 5.75
CA TYR A 267 -10.02 -3.96 4.38
C TYR A 267 -11.34 -3.33 3.96
N SER A 268 -12.00 -2.61 4.86
CA SER A 268 -13.35 -2.10 4.63
C SER A 268 -13.33 -0.61 4.31
N ALA A 269 -14.09 -0.23 3.28
CA ALA A 269 -14.33 1.17 2.96
C ALA A 269 -15.84 1.43 2.92
N THR A 270 -16.27 2.56 3.49
CA THR A 270 -17.69 2.90 3.49
C THR A 270 -17.98 4.34 3.09
N SER A 271 -16.98 5.09 2.63
CA SER A 271 -17.25 6.41 2.08
C SER A 271 -16.07 6.87 1.24
N ALA A 272 -16.33 7.85 0.40
CA ALA A 272 -15.31 8.35 -0.52
C ALA A 272 -14.15 9.02 0.21
N THR A 273 -14.34 9.41 1.47
CA THR A 273 -13.31 10.03 2.30
C THR A 273 -12.35 9.03 2.94
N ASP A 274 -12.63 7.74 2.85
CA ASP A 274 -11.81 6.74 3.56
C ASP A 274 -10.36 6.74 3.07
N LYS A 275 -9.44 6.55 4.00
CA LYS A 275 -8.01 6.41 3.73
C LYS A 275 -7.64 4.94 3.89
N LEU A 276 -7.61 4.22 2.77
CA LEU A 276 -7.29 2.80 2.77
C LEU A 276 -5.79 2.60 2.63
N ILE A 277 -5.21 1.78 3.50
CA ILE A 277 -3.82 1.35 3.37
C ILE A 277 -3.79 -0.12 3.75
N PHE A 278 -3.58 -1.00 2.76
CA PHE A 278 -3.54 -2.41 3.11
C PHE A 278 -2.84 -3.24 2.02
N SER A 279 -2.51 -4.47 2.40
CA SER A 279 -1.92 -5.45 1.51
C SER A 279 -2.75 -6.73 1.61
N VAL A 280 -3.30 -7.18 0.48
CA VAL A 280 -4.31 -8.23 0.49
C VAL A 280 -3.64 -9.58 0.65
N TRP A 281 -4.01 -10.30 1.69
CA TRP A 281 -3.71 -11.71 1.79
C TRP A 281 -5.01 -12.47 1.61
N ASP A 282 -4.98 -13.54 0.83
CA ASP A 282 -6.20 -14.28 0.49
C ASP A 282 -5.80 -15.69 0.10
N GLY A 283 -6.51 -16.68 0.65
CA GLY A 283 -6.16 -18.08 0.46
C GLY A 283 -6.76 -18.79 -0.74
N GLY A 284 -7.70 -18.17 -1.44
CA GLY A 284 -8.33 -18.82 -2.58
C GLY A 284 -9.68 -18.22 -2.87
N GLY A 285 -10.32 -18.76 -3.91
CA GLY A 285 -11.63 -18.30 -4.33
C GLY A 285 -11.54 -17.21 -5.37
N ASN A 286 -12.71 -16.79 -5.86
CA ASN A 286 -12.82 -15.76 -6.89
C ASN A 286 -13.06 -14.41 -6.20
N ASP A 287 -12.06 -13.52 -6.26
CA ASP A 287 -12.04 -12.35 -5.39
C ASP A 287 -12.06 -11.05 -6.18
N THR A 288 -12.48 -9.97 -5.50
CA THR A 288 -12.72 -8.69 -6.13
C THR A 288 -12.12 -7.55 -5.29
N LEU A 289 -11.39 -6.65 -5.92
CA LEU A 289 -11.07 -5.36 -5.32
C LEU A 289 -12.15 -4.39 -5.79
N ASP A 290 -13.03 -4.01 -4.88
CA ASP A 290 -14.17 -3.14 -5.19
C ASP A 290 -13.83 -1.75 -4.68
N PHE A 291 -13.47 -0.85 -5.61
CA PHE A 291 -13.20 0.54 -5.27
C PHE A 291 -14.21 1.49 -5.92
N SER A 292 -15.48 1.04 -5.99
CA SER A 292 -16.50 1.77 -6.74
C SER A 292 -16.93 3.05 -6.05
N GLY A 293 -16.75 3.13 -4.73
CA GLY A 293 -17.26 4.26 -3.97
C GLY A 293 -16.42 5.51 -4.02
N PHE A 294 -15.26 5.46 -4.68
CA PHE A 294 -14.39 6.63 -4.78
C PHE A 294 -14.65 7.42 -6.06
N SER A 295 -14.50 8.74 -5.96
CA SER A 295 -14.65 9.63 -7.10
C SER A 295 -13.32 10.01 -7.72
N GLN A 296 -12.22 9.79 -6.99
CA GLN A 296 -10.89 10.16 -7.46
C GLN A 296 -10.41 9.21 -8.55
N ASN A 297 -9.48 9.70 -9.37
CA ASN A 297 -8.84 8.87 -10.39
C ASN A 297 -8.02 7.79 -9.70
N GLN A 298 -8.18 6.55 -10.13
CA GLN A 298 -7.50 5.43 -9.48
C GLN A 298 -6.72 4.60 -10.51
N LYS A 299 -5.72 3.86 -10.01
CA LYS A 299 -4.91 2.97 -10.83
C LYS A 299 -4.83 1.64 -10.09
N ILE A 300 -5.47 0.61 -10.62
CA ILE A 300 -5.64 -0.65 -9.93
C ILE A 300 -4.89 -1.74 -10.68
N ASN A 301 -4.02 -2.48 -9.98
CA ASN A 301 -3.20 -3.55 -10.55
C ASN A 301 -3.52 -4.85 -9.84
N LEU A 302 -3.95 -5.86 -10.59
CA LEU A 302 -4.25 -7.16 -10.01
C LEU A 302 -3.04 -8.10 -10.03
N ALA A 303 -1.87 -7.63 -10.42
CA ALA A 303 -0.69 -8.49 -10.37
C ALA A 303 -0.28 -8.79 -8.93
N ALA A 304 0.03 -10.06 -8.65
CA ALA A 304 0.52 -10.40 -7.32
C ALA A 304 1.79 -9.61 -7.04
N GLY A 305 1.92 -9.11 -5.81
CA GLY A 305 3.08 -8.31 -5.45
C GLY A 305 3.01 -6.86 -5.86
N SER A 306 1.96 -6.43 -6.53
CA SER A 306 1.95 -5.12 -7.16
C SER A 306 1.16 -4.11 -6.33
N PHE A 307 1.40 -2.84 -6.61
CA PHE A 307 0.79 -1.71 -5.92
C PHE A 307 -0.24 -1.01 -6.80
N SER A 308 -1.18 -0.34 -6.13
CA SER A 308 -2.29 0.38 -6.74
C SER A 308 -2.43 1.73 -6.04
N ASP A 309 -2.96 2.70 -6.79
CA ASP A 309 -3.27 4.03 -6.29
C ASP A 309 -4.79 4.10 -6.11
N VAL A 310 -5.24 4.12 -4.87
CA VAL A 310 -6.64 3.92 -4.54
C VAL A 310 -7.15 5.11 -3.73
N GLY A 311 -8.37 5.54 -4.05
CA GLY A 311 -9.06 6.47 -3.18
C GLY A 311 -8.50 7.87 -3.15
N GLY A 312 -7.78 8.28 -4.19
CA GLY A 312 -7.08 9.54 -4.20
C GLY A 312 -5.70 9.52 -3.57
N MET A 313 -5.28 8.38 -3.04
CA MET A 313 -3.93 8.18 -2.53
C MET A 313 -3.10 7.40 -3.55
N THR A 314 -1.78 7.31 -3.31
CA THR A 314 -0.88 6.59 -4.22
C THR A 314 -0.06 5.56 -3.47
N GLY A 315 0.10 4.39 -4.08
CA GLY A 315 0.89 3.32 -3.50
C GLY A 315 0.36 2.75 -2.20
N ASN A 316 -0.95 2.86 -1.95
CA ASN A 316 -1.55 2.57 -0.65
C ASN A 316 -2.21 1.20 -0.59
N VAL A 317 -2.42 0.54 -1.72
CA VAL A 317 -3.02 -0.78 -1.76
C VAL A 317 -2.07 -1.71 -2.51
N SER A 318 -1.93 -2.95 -2.03
CA SER A 318 -1.12 -3.94 -2.71
C SER A 318 -1.75 -5.32 -2.56
N ILE A 319 -1.24 -6.24 -3.37
CA ILE A 319 -1.61 -7.65 -3.31
C ILE A 319 -0.35 -8.42 -2.95
N ALA A 320 -0.43 -9.26 -1.91
CA ALA A 320 0.76 -9.96 -1.43
C ALA A 320 1.27 -10.95 -2.47
N GLN A 321 2.58 -11.20 -2.42
CA GLN A 321 3.17 -12.27 -3.22
C GLN A 321 2.40 -13.56 -3.02
N GLY A 322 2.09 -14.23 -4.12
CA GLY A 322 1.43 -15.53 -4.05
C GLY A 322 -0.08 -15.49 -3.93
N VAL A 323 -0.71 -14.35 -4.19
CA VAL A 323 -2.16 -14.20 -4.12
C VAL A 323 -2.67 -13.86 -5.51
N THR A 324 -3.66 -14.61 -5.98
CA THR A 324 -4.34 -14.34 -7.24
C THR A 324 -5.68 -13.67 -6.93
N ILE A 325 -5.80 -12.40 -7.28
CA ILE A 325 -7.03 -11.64 -7.17
C ILE A 325 -7.59 -11.48 -8.58
N GLU A 326 -8.86 -11.82 -8.77
CA GLU A 326 -9.41 -11.99 -10.11
C GLU A 326 -10.09 -10.75 -10.68
N ASN A 327 -10.84 -9.99 -9.86
CA ASN A 327 -11.70 -8.93 -10.37
C ASN A 327 -11.39 -7.57 -9.72
N ALA A 328 -11.76 -6.50 -10.43
CA ALA A 328 -11.56 -5.14 -9.95
C ALA A 328 -12.65 -4.21 -10.47
N ILE A 329 -13.09 -3.30 -9.61
CA ILE A 329 -14.16 -2.36 -9.93
C ILE A 329 -13.60 -0.97 -9.65
N GLY A 330 -13.50 -0.16 -10.70
CA GLY A 330 -13.10 1.21 -10.54
C GLY A 330 -14.23 2.03 -9.94
N GLY A 331 -13.97 3.32 -9.80
CA GLY A 331 -14.95 4.27 -9.33
C GLY A 331 -15.43 5.19 -10.43
N SER A 332 -16.03 6.33 -10.02
CA SER A 332 -16.50 7.30 -10.98
C SER A 332 -15.39 8.19 -11.56
N GLY A 333 -14.16 8.05 -11.08
CA GLY A 333 -13.02 8.74 -11.67
C GLY A 333 -12.58 8.10 -12.98
N ASN A 334 -11.57 8.73 -13.60
CA ASN A 334 -10.93 8.19 -14.81
C ASN A 334 -9.84 7.22 -14.37
N ASP A 335 -10.07 5.93 -14.54
CA ASP A 335 -9.25 4.93 -13.87
C ASP A 335 -8.38 4.13 -14.84
N LEU A 336 -7.38 3.47 -14.26
CA LEU A 336 -6.61 2.42 -14.92
C LEU A 336 -6.91 1.10 -14.20
N LEU A 337 -7.31 0.08 -14.97
CA LEU A 337 -7.54 -1.25 -14.42
C LEU A 337 -6.65 -2.25 -15.15
N LEU A 338 -5.74 -2.90 -14.43
CA LEU A 338 -4.81 -3.85 -15.03
C LEU A 338 -5.10 -5.23 -14.47
N GLY A 339 -5.35 -6.18 -15.36
CA GLY A 339 -5.59 -7.56 -14.99
C GLY A 339 -4.30 -8.33 -14.82
N ASN A 340 -4.43 -9.66 -14.81
CA ASN A 340 -3.28 -10.54 -14.62
C ASN A 340 -3.50 -11.76 -15.52
N ALA A 341 -2.82 -12.87 -15.23
CA ALA A 341 -2.87 -14.02 -16.12
C ALA A 341 -4.20 -14.77 -16.06
N ALA A 342 -4.97 -14.60 -14.99
CA ALA A 342 -6.24 -15.29 -14.83
C ALA A 342 -7.35 -14.57 -15.61
N SER A 343 -8.47 -15.27 -15.81
CA SER A 343 -9.69 -14.63 -16.30
C SER A 343 -10.16 -13.58 -15.32
N ASN A 344 -10.21 -12.33 -15.77
CA ASN A 344 -10.59 -11.19 -14.94
C ASN A 344 -11.91 -10.58 -15.39
N ILE A 345 -12.68 -10.09 -14.40
CA ILE A 345 -13.78 -9.18 -14.65
C ILE A 345 -13.34 -7.80 -14.16
N LEU A 346 -13.14 -6.89 -15.11
CA LEU A 346 -12.72 -5.52 -14.83
C LEU A 346 -13.86 -4.61 -15.22
N LYS A 347 -14.22 -3.71 -14.32
CA LYS A 347 -15.36 -2.81 -14.50
C LYS A 347 -14.88 -1.39 -14.23
N GLY A 348 -14.80 -0.57 -15.28
CA GLY A 348 -14.31 0.79 -15.14
C GLY A 348 -15.29 1.70 -14.46
N GLY A 349 -16.59 1.44 -14.56
CA GLY A 349 -17.51 2.39 -13.96
C GLY A 349 -17.63 3.68 -14.78
N ALA A 350 -18.18 4.71 -14.14
CA ALA A 350 -18.28 6.00 -14.81
C ALA A 350 -16.88 6.60 -15.01
N GLY A 351 -16.82 7.65 -15.82
CA GLY A 351 -15.54 8.23 -16.20
C GLY A 351 -14.88 7.46 -17.35
N ASN A 352 -13.81 8.06 -17.88
CA ASN A 352 -13.08 7.51 -19.02
C ASN A 352 -11.93 6.67 -18.47
N ASP A 353 -12.07 5.36 -18.61
CA ASP A 353 -11.17 4.40 -18.00
C ASP A 353 -10.35 3.70 -19.07
N ILE A 354 -9.21 3.18 -18.65
CA ILE A 354 -8.34 2.39 -19.52
C ILE A 354 -8.24 1.00 -18.89
N ILE A 355 -8.57 -0.02 -19.66
CA ILE A 355 -8.64 -1.40 -19.15
C ILE A 355 -7.61 -2.25 -19.88
N TYR A 356 -6.90 -3.08 -19.11
CA TYR A 356 -5.94 -4.03 -19.65
C TYR A 356 -6.23 -5.39 -19.03
N GLY A 357 -6.76 -6.32 -19.84
CA GLY A 357 -7.11 -7.62 -19.31
C GLY A 357 -5.92 -8.56 -19.16
N GLY A 358 -4.89 -8.38 -19.99
CA GLY A 358 -3.77 -9.30 -19.97
C GLY A 358 -4.15 -10.71 -20.40
N GLY A 359 -3.48 -11.69 -19.80
CA GLY A 359 -3.63 -13.06 -20.25
C GLY A 359 -5.01 -13.63 -19.96
N GLY A 360 -5.37 -14.65 -20.73
CA GLY A 360 -6.64 -15.33 -20.57
C GLY A 360 -7.82 -14.56 -21.13
N ALA A 361 -8.98 -15.21 -21.10
CA ALA A 361 -10.22 -14.59 -21.55
C ALA A 361 -10.81 -13.74 -20.43
N ASP A 362 -10.87 -12.43 -20.63
CA ASP A 362 -11.38 -11.52 -19.62
C ASP A 362 -12.72 -10.96 -20.06
N LYS A 363 -13.55 -10.60 -19.09
CA LYS A 363 -14.81 -9.90 -19.35
C LYS A 363 -14.62 -8.47 -18.88
N LEU A 364 -14.61 -7.53 -19.82
CA LEU A 364 -14.22 -6.16 -19.59
C LEU A 364 -15.42 -5.25 -19.77
N TRP A 365 -15.80 -4.53 -18.72
CA TRP A 365 -16.88 -3.53 -18.77
C TRP A 365 -16.26 -2.14 -18.67
N GLY A 366 -16.37 -1.36 -19.75
CA GLY A 366 -15.91 0.01 -19.71
C GLY A 366 -16.74 0.90 -18.80
N GLY A 367 -18.05 0.63 -18.71
CA GLY A 367 -18.96 1.55 -18.04
C GLY A 367 -19.33 2.69 -18.96
N SER A 368 -19.99 3.70 -18.39
CA SER A 368 -20.26 4.89 -19.18
C SER A 368 -18.95 5.63 -19.46
N GLY A 369 -19.03 6.64 -20.33
CA GLY A 369 -17.84 7.36 -20.74
C GLY A 369 -17.07 6.61 -21.81
N SER A 370 -15.97 7.22 -22.21
CA SER A 370 -15.19 6.75 -23.35
C SER A 370 -14.03 5.92 -22.81
N ASP A 371 -14.14 4.60 -22.92
CA ASP A 371 -13.15 3.71 -22.33
C ASP A 371 -12.29 3.05 -23.39
N THR A 372 -11.06 2.71 -23.02
CA THR A 372 -10.08 2.16 -23.94
C THR A 372 -9.62 0.81 -23.43
N PHE A 373 -9.68 -0.18 -24.29
CA PHE A 373 -9.34 -1.56 -23.94
C PHE A 373 -7.99 -1.86 -24.58
N VAL A 374 -6.97 -2.04 -23.75
CA VAL A 374 -5.56 -2.03 -24.16
C VAL A 374 -5.05 -3.47 -24.28
N TYR A 375 -4.35 -3.76 -25.37
CA TYR A 375 -3.83 -5.09 -25.68
C TYR A 375 -2.32 -4.98 -25.89
N ARG A 376 -1.57 -5.83 -25.19
CA ARG A 376 -0.11 -5.76 -25.20
C ARG A 376 0.56 -6.97 -25.87
N GLU A 377 -0.04 -8.15 -25.80
CA GLU A 377 0.47 -9.33 -26.49
C GLU A 377 -0.66 -10.02 -27.22
N VAL A 378 -0.30 -10.78 -28.27
CA VAL A 378 -1.29 -11.55 -29.01
C VAL A 378 -2.03 -12.51 -28.08
N SER A 379 -1.31 -13.15 -27.14
CA SER A 379 -1.95 -14.08 -26.22
C SER A 379 -2.98 -13.42 -25.31
N ASP A 380 -3.07 -12.09 -25.29
CA ASP A 380 -4.08 -11.43 -24.45
C ASP A 380 -5.49 -11.90 -24.80
N SER A 381 -5.75 -12.25 -26.06
CA SER A 381 -7.14 -12.48 -26.50
C SER A 381 -7.09 -13.31 -27.78
N THR A 382 -7.10 -14.67 -27.62
CA THR A 382 -6.96 -15.59 -28.74
C THR A 382 -8.31 -16.15 -29.16
N PRO A 383 -8.40 -16.77 -30.35
CA PRO A 383 -9.70 -17.30 -30.80
C PRO A 383 -10.31 -18.31 -29.84
N LYS A 384 -9.48 -19.07 -29.12
CA LYS A 384 -9.98 -20.06 -28.17
C LYS A 384 -10.06 -19.53 -26.75
N ALA A 385 -9.53 -18.33 -26.48
CA ALA A 385 -9.55 -17.74 -25.14
C ALA A 385 -9.63 -16.21 -25.32
N ALA A 386 -10.82 -15.73 -25.72
CA ALA A 386 -10.99 -14.36 -26.18
C ALA A 386 -11.66 -13.48 -25.13
N ASP A 387 -11.18 -12.25 -25.01
CA ASP A 387 -11.92 -11.26 -24.22
C ASP A 387 -13.31 -11.06 -24.78
N THR A 388 -14.27 -10.78 -23.91
CA THR A 388 -15.52 -10.15 -24.31
C THR A 388 -15.57 -8.76 -23.71
N LEU A 389 -15.78 -7.75 -24.56
CA LEU A 389 -16.04 -6.39 -24.10
C LEU A 389 -17.55 -6.28 -23.91
N MET A 390 -17.98 -6.38 -22.65
CA MET A 390 -19.36 -6.68 -22.29
C MET A 390 -20.31 -5.52 -22.52
N ASP A 391 -19.79 -4.31 -22.72
CA ASP A 391 -20.67 -3.17 -22.88
C ASP A 391 -20.11 -2.20 -23.91
N PHE A 392 -19.46 -2.72 -24.95
CA PHE A 392 -18.71 -1.88 -25.88
C PHE A 392 -19.65 -0.90 -26.60
N GLN A 393 -19.23 0.38 -26.62
CA GLN A 393 -20.01 1.47 -27.22
C GLN A 393 -19.22 1.99 -28.44
N THR A 394 -19.60 1.51 -29.63
CA THR A 394 -18.98 1.97 -30.86
C THR A 394 -19.14 3.48 -31.02
N GLY A 395 -18.12 4.11 -31.59
CA GLY A 395 -18.10 5.55 -31.70
C GLY A 395 -17.71 6.29 -30.44
N LEU A 396 -17.47 5.58 -29.34
CA LEU A 396 -17.14 6.20 -28.07
C LEU A 396 -15.97 5.49 -27.41
N ASP A 397 -16.10 4.19 -27.16
CA ASP A 397 -15.00 3.39 -26.66
C ASP A 397 -13.94 3.18 -27.76
N LYS A 398 -12.77 2.69 -27.36
CA LYS A 398 -11.68 2.38 -28.27
C LYS A 398 -11.07 1.03 -27.92
N ILE A 399 -10.68 0.28 -28.94
CA ILE A 399 -9.82 -0.89 -28.81
C ILE A 399 -8.42 -0.48 -29.27
N ASP A 400 -7.43 -0.63 -28.38
CA ASP A 400 -6.07 -0.15 -28.62
C ASP A 400 -5.12 -1.35 -28.71
N LEU A 401 -4.55 -1.59 -29.89
CA LEU A 401 -3.62 -2.71 -30.14
C LEU A 401 -2.19 -2.25 -30.37
N THR A 402 -1.86 -1.01 -30.02
CA THR A 402 -0.55 -0.45 -30.37
C THR A 402 0.59 -1.08 -29.59
N GLY A 403 0.33 -1.64 -28.40
CA GLY A 403 1.33 -2.46 -27.75
C GLY A 403 1.75 -3.66 -28.58
N ILE A 404 0.88 -4.13 -29.48
CA ILE A 404 1.22 -5.22 -30.40
C ILE A 404 1.72 -4.69 -31.74
N THR A 405 1.01 -3.72 -32.32
CA THR A 405 1.32 -3.28 -33.67
C THR A 405 2.42 -2.23 -33.72
N HIS A 406 2.67 -1.54 -32.61
CA HIS A 406 3.60 -0.41 -32.57
C HIS A 406 3.23 0.61 -33.64
N LEU A 407 1.92 0.82 -33.79
CA LEU A 407 1.33 1.81 -34.68
C LEU A 407 1.62 1.54 -36.17
N SER A 408 1.96 0.31 -36.53
CA SER A 408 2.05 -0.06 -37.94
C SER A 408 0.69 -0.39 -38.56
N GLY A 409 -0.39 -0.27 -37.80
CA GLY A 409 -1.73 -0.32 -38.34
C GLY A 409 -2.25 -1.74 -38.55
N LEU A 410 -3.45 -1.81 -39.12
CA LEU A 410 -4.05 -3.06 -39.54
C LEU A 410 -4.47 -2.95 -41.00
N ASN A 411 -4.61 -4.11 -41.64
CA ASN A 411 -5.11 -4.19 -43.00
C ASN A 411 -6.51 -4.80 -42.94
N PHE A 412 -7.54 -3.94 -42.89
CA PHE A 412 -8.90 -4.43 -42.78
C PHE A 412 -9.33 -5.05 -44.09
N VAL A 413 -9.77 -6.31 -44.05
CA VAL A 413 -10.08 -7.09 -45.23
C VAL A 413 -11.35 -7.89 -44.99
N ASN A 414 -11.94 -8.38 -46.08
CA ASN A 414 -13.09 -9.26 -45.95
C ASN A 414 -12.68 -10.67 -45.50
N ALA A 415 -11.48 -11.09 -45.86
CA ALA A 415 -10.98 -12.43 -45.58
C ALA A 415 -9.46 -12.36 -45.57
N PHE A 416 -8.84 -13.12 -44.69
CA PHE A 416 -7.40 -13.07 -44.53
C PHE A 416 -6.69 -13.35 -45.86
N THR A 417 -5.60 -12.64 -46.10
CA THR A 417 -4.84 -12.76 -47.35
C THR A 417 -3.47 -13.40 -47.16
N GLY A 418 -3.10 -13.75 -45.93
CA GLY A 418 -1.81 -14.34 -45.66
C GLY A 418 -0.76 -13.39 -45.17
N GLN A 419 -1.12 -12.20 -44.74
CA GLN A 419 -0.14 -11.21 -44.31
C GLN A 419 -0.38 -10.77 -42.87
N ALA A 420 0.72 -10.45 -42.17
CA ALA A 420 0.64 -10.06 -40.78
C ALA A 420 -0.12 -8.74 -40.66
N GLY A 421 -1.06 -8.69 -39.73
CA GLY A 421 -1.86 -7.50 -39.53
C GLY A 421 -3.15 -7.44 -40.32
N ASP A 422 -3.45 -8.43 -41.16
CA ASP A 422 -4.78 -8.54 -41.74
C ASP A 422 -5.81 -8.63 -40.62
N ALA A 423 -6.91 -7.89 -40.76
CA ALA A 423 -7.97 -7.87 -39.74
C ALA A 423 -9.34 -7.97 -40.40
N VAL A 424 -10.23 -8.76 -39.80
CA VAL A 424 -11.57 -8.94 -40.31
C VAL A 424 -12.54 -8.51 -39.22
N VAL A 425 -13.37 -7.54 -39.52
CA VAL A 425 -14.39 -7.03 -38.59
C VAL A 425 -15.74 -7.58 -39.02
N SER A 426 -16.44 -8.22 -38.09
CA SER A 426 -17.74 -8.82 -38.36
C SER A 426 -18.76 -8.35 -37.34
N TYR A 427 -20.03 -8.51 -37.68
CA TYR A 427 -21.10 -8.21 -36.74
C TYR A 427 -22.22 -9.23 -36.92
N ASN A 428 -22.67 -9.81 -35.81
CA ASN A 428 -23.73 -10.81 -35.79
C ASN A 428 -24.93 -10.17 -35.09
N GLN A 429 -25.95 -9.82 -35.86
CA GLN A 429 -27.08 -9.06 -35.32
C GLN A 429 -27.85 -9.88 -34.28
N ALA A 430 -27.97 -11.20 -34.48
CA ALA A 430 -28.76 -11.99 -33.55
C ALA A 430 -28.13 -12.07 -32.17
N SER A 431 -26.80 -11.99 -32.09
CA SER A 431 -26.15 -11.94 -30.79
C SER A 431 -25.77 -10.53 -30.38
N ASN A 432 -26.10 -9.53 -31.19
CA ASN A 432 -25.60 -8.17 -31.03
C ASN A 432 -24.11 -8.20 -30.70
N ALA A 433 -23.36 -9.05 -31.41
CA ALA A 433 -21.97 -9.32 -31.11
C ALA A 433 -21.09 -8.89 -32.27
N GLY A 434 -20.14 -8.00 -32.00
CA GLY A 434 -19.08 -7.72 -32.93
C GLY A 434 -17.94 -8.70 -32.75
N SER A 435 -17.17 -8.90 -33.82
CA SER A 435 -15.95 -9.69 -33.78
C SER A 435 -14.82 -8.92 -34.45
N LEU A 436 -13.67 -8.84 -33.78
CA LEU A 436 -12.40 -8.41 -34.38
C LEU A 436 -11.46 -9.60 -34.41
N GLN A 437 -11.21 -10.15 -35.61
CA GLN A 437 -10.19 -11.18 -35.78
C GLN A 437 -8.98 -10.58 -36.46
N VAL A 438 -7.79 -10.89 -35.96
CA VAL A 438 -6.54 -10.43 -36.56
C VAL A 438 -5.64 -11.63 -36.78
N ASP A 439 -4.91 -11.60 -37.89
CA ASP A 439 -3.85 -12.54 -38.20
C ASP A 439 -2.52 -11.81 -37.97
N PHE A 440 -2.07 -11.80 -36.72
CA PHE A 440 -0.83 -11.07 -36.43
C PHE A 440 0.40 -11.81 -36.94
N SER A 441 0.37 -13.14 -36.98
CA SER A 441 1.55 -13.87 -37.44
C SER A 441 1.64 -13.94 -38.95
N GLY A 442 0.55 -13.72 -39.67
CA GLY A 442 0.56 -13.83 -41.11
C GLY A 442 0.47 -15.24 -41.64
N HIS A 443 -0.36 -16.09 -41.04
CA HIS A 443 -0.52 -17.47 -41.45
C HIS A 443 -1.84 -17.73 -42.15
N GLY A 444 -2.60 -16.69 -42.49
CA GLY A 444 -3.85 -16.85 -43.21
C GLY A 444 -5.04 -17.19 -42.36
N VAL A 445 -4.88 -17.28 -41.03
CA VAL A 445 -5.98 -17.57 -40.12
C VAL A 445 -5.84 -16.64 -38.92
N ALA A 446 -6.96 -16.41 -38.24
CA ALA A 446 -6.93 -15.57 -37.04
C ALA A 446 -6.08 -16.21 -35.95
N ASP A 447 -5.15 -15.43 -35.39
CA ASP A 447 -4.49 -15.82 -34.15
C ASP A 447 -4.86 -14.88 -33.02
N PHE A 448 -5.90 -14.08 -33.22
CA PHE A 448 -6.27 -13.05 -32.25
C PHE A 448 -7.75 -12.76 -32.46
N LEU A 449 -8.51 -12.75 -31.38
CA LEU A 449 -9.95 -12.50 -31.45
C LEU A 449 -10.40 -11.71 -30.24
N ILE A 450 -11.14 -10.63 -30.48
CA ILE A 450 -11.89 -9.94 -29.44
C ILE A 450 -13.36 -10.00 -29.82
N THR A 451 -14.20 -10.43 -28.89
CA THR A 451 -15.65 -10.35 -29.06
C THR A 451 -16.19 -9.13 -28.33
N THR A 452 -17.10 -8.38 -28.98
CA THR A 452 -17.73 -7.21 -28.39
C THR A 452 -19.24 -7.40 -28.32
N VAL A 453 -19.83 -7.04 -27.19
CA VAL A 453 -21.28 -6.93 -27.06
C VAL A 453 -21.65 -5.52 -27.51
N GLY A 454 -22.36 -5.43 -28.62
CA GLY A 454 -22.52 -4.17 -29.33
C GLY A 454 -21.59 -4.15 -30.53
N GLN A 455 -21.99 -3.52 -31.62
CA GLN A 455 -21.17 -3.51 -32.84
C GLN A 455 -19.84 -2.80 -32.58
N VAL A 456 -18.79 -3.25 -33.30
CA VAL A 456 -17.48 -2.59 -33.31
C VAL A 456 -17.14 -2.23 -34.75
N ALA A 457 -16.56 -1.03 -34.93
CA ALA A 457 -16.26 -0.47 -36.23
C ALA A 457 -14.75 -0.27 -36.40
N THR A 458 -14.29 -0.17 -37.66
CA THR A 458 -12.86 0.04 -37.90
C THR A 458 -12.38 1.32 -37.22
N TYR A 459 -13.23 2.35 -37.20
CA TYR A 459 -12.83 3.60 -36.60
C TYR A 459 -12.86 3.55 -35.07
N ASP A 460 -13.22 2.40 -34.48
CA ASP A 460 -13.15 2.20 -33.03
C ASP A 460 -11.83 1.57 -32.58
N ILE A 461 -10.92 1.29 -33.52
CA ILE A 461 -9.71 0.52 -33.28
C ILE A 461 -8.50 1.42 -33.47
N VAL A 462 -7.61 1.44 -32.48
CA VAL A 462 -6.37 2.21 -32.52
C VAL A 462 -5.24 1.23 -32.72
N ALA A 463 -4.55 1.34 -33.85
CA ALA A 463 -3.52 0.36 -34.19
C ALA A 463 -2.49 0.93 -35.15
N SER B 1 9.97 1.77 18.40
CA SER B 1 8.97 2.70 17.86
C SER B 1 9.23 4.16 18.24
N LEU B 2 9.23 5.04 17.24
CA LEU B 2 9.39 6.46 17.50
C LEU B 2 8.19 7.02 18.25
N MET B 3 8.45 8.01 19.12
CA MET B 3 7.39 8.73 19.82
C MET B 3 6.81 9.81 18.92
N LEU B 4 5.52 9.72 18.61
CA LEU B 4 4.84 10.68 17.74
C LEU B 4 4.51 11.95 18.52
N LEU B 5 4.95 13.08 18.01
CA LEU B 5 4.74 14.35 18.69
C LEU B 5 3.31 14.82 18.47
N SER B 6 2.67 15.29 19.53
CA SER B 6 1.31 15.79 19.40
C SER B 6 1.32 17.16 18.71
N PRO B 7 0.19 17.55 18.11
CA PRO B 7 0.13 18.93 17.57
C PRO B 7 0.40 19.98 18.63
N ALA B 8 -0.08 19.77 19.86
CA ALA B 8 0.18 20.74 20.93
C ALA B 8 1.68 20.87 21.21
N GLN B 9 2.43 19.77 21.10
CA GLN B 9 3.86 19.82 21.35
C GLN B 9 4.61 20.47 20.20
N VAL B 10 4.12 20.33 18.96
CA VAL B 10 4.83 20.92 17.83
C VAL B 10 4.48 22.39 17.68
N ALA B 11 3.28 22.80 18.08
CA ALA B 11 2.82 24.18 17.89
C ALA B 11 3.79 25.19 18.48
N GLY B 12 3.84 26.36 17.85
CA GLY B 12 4.66 27.46 18.31
C GLY B 12 5.23 28.20 17.13
N SER B 13 6.26 29.01 17.37
CA SER B 13 6.90 29.78 16.31
C SER B 13 8.09 29.02 15.74
N TRP B 14 8.14 28.95 14.40
CA TRP B 14 9.18 28.23 13.68
C TRP B 14 9.83 29.12 12.64
N THR B 15 11.15 29.01 12.52
CA THR B 15 11.93 29.71 11.51
C THR B 15 12.30 28.75 10.38
N PHE B 16 12.03 29.15 9.14
CA PHE B 16 12.39 28.39 7.95
C PHE B 16 13.47 29.13 7.16
N TYR B 17 14.44 28.38 6.63
CA TYR B 17 15.43 28.96 5.73
C TYR B 17 16.06 27.82 4.92
N VAL B 18 16.69 28.20 3.82
CA VAL B 18 17.41 27.26 2.97
C VAL B 18 18.90 27.42 3.26
N GLN B 19 19.61 26.31 3.45
CA GLN B 19 21.04 26.40 3.75
C GLN B 19 21.76 27.05 2.57
N GLY B 20 22.79 27.84 2.89
CA GLY B 20 23.43 28.70 1.91
C GLY B 20 22.75 30.03 1.68
N ALA B 21 21.56 30.24 2.24
CA ALA B 21 20.81 31.49 2.14
C ALA B 21 20.21 31.82 3.51
N GLU B 22 21.01 31.68 4.56
CA GLU B 22 20.51 31.82 5.91
C GLU B 22 19.90 33.19 6.19
N GLN B 23 20.22 34.20 5.37
CA GLN B 23 19.73 35.54 5.61
C GLN B 23 18.29 35.75 5.14
N ASP B 24 17.70 34.77 4.46
CA ASP B 24 16.34 34.85 3.93
C ASP B 24 15.45 33.90 4.72
N ALA B 25 15.21 34.24 5.98
CA ALA B 25 14.41 33.37 6.84
C ALA B 25 12.94 33.78 6.83
N CYS B 26 12.08 32.80 7.05
CA CYS B 26 10.67 33.01 7.32
C CYS B 26 10.43 32.60 8.76
N THR B 27 9.66 33.41 9.50
CA THR B 27 9.12 32.98 10.79
C THR B 27 7.62 32.80 10.65
N VAL B 28 7.13 31.64 11.06
CA VAL B 28 5.75 31.24 10.87
C VAL B 28 5.26 30.60 12.17
N THR B 29 4.00 30.83 12.50
CA THR B 29 3.38 30.22 13.66
C THR B 29 2.63 28.96 13.24
N LEU B 30 2.94 27.85 13.87
CA LEU B 30 2.19 26.62 13.70
C LEU B 30 1.22 26.52 14.88
N LYS B 31 -0.07 26.49 14.57
CA LYS B 31 -1.13 26.52 15.57
C LYS B 31 -1.55 25.10 15.93
N LYS B 32 -1.96 24.93 17.19
CA LYS B 32 -2.37 23.62 17.72
C LYS B 32 -3.47 22.95 16.89
N ASP B 33 -4.30 23.72 16.19
CA ASP B 33 -5.30 23.09 15.33
C ASP B 33 -4.74 22.65 13.99
N ARG B 34 -3.41 22.72 13.84
CA ARG B 34 -2.67 22.25 12.67
C ARG B 34 -2.77 23.18 11.47
N THR B 35 -3.12 24.45 11.68
CA THR B 35 -3.02 25.47 10.65
C THR B 35 -1.76 26.31 10.87
N PHE B 36 -1.54 27.25 9.95
CA PHE B 36 -0.41 28.17 10.00
C PHE B 36 -0.91 29.60 10.20
N SER B 37 -0.02 30.46 10.64
CA SER B 37 -0.29 31.88 10.61
C SER B 37 -0.11 32.42 9.18
N ALA B 38 -0.50 33.68 8.98
CA ALA B 38 -0.54 34.23 7.63
C ALA B 38 0.84 34.28 7.01
N GLN B 39 1.88 34.36 7.83
CA GLN B 39 3.25 34.40 7.34
C GLN B 39 3.65 33.13 6.59
N VAL B 40 2.82 32.08 6.60
CA VAL B 40 3.13 30.88 5.84
C VAL B 40 3.28 31.20 4.36
N SER B 41 2.65 32.29 3.88
CA SER B 41 2.85 32.75 2.52
C SER B 41 4.32 32.92 2.17
N CYS B 42 5.18 33.18 3.17
CA CYS B 42 6.61 33.31 2.93
C CYS B 42 7.21 32.05 2.32
N LEU B 43 6.68 30.87 2.65
CA LEU B 43 7.21 29.64 2.08
C LEU B 43 6.87 29.47 0.61
N GLN B 44 5.98 30.30 0.06
CA GLN B 44 5.54 30.10 -1.31
C GLN B 44 6.72 30.09 -2.28
N ALA B 45 7.73 30.93 -2.02
CA ALA B 45 8.84 31.06 -2.97
C ALA B 45 9.61 29.75 -3.12
N TRP B 46 9.78 29.00 -2.03
CA TRP B 46 10.52 27.73 -2.11
C TRP B 46 9.65 26.57 -2.55
N LEU B 47 8.39 26.55 -2.13
CA LEU B 47 7.53 25.38 -2.32
C LEU B 47 6.60 25.51 -3.52
N GLY B 48 6.49 26.69 -4.13
CA GLY B 48 5.56 26.84 -5.23
C GLY B 48 4.16 27.06 -4.72
N ARG B 49 3.53 26.01 -4.21
CA ARG B 49 2.25 26.15 -3.54
C ARG B 49 2.46 26.30 -2.04
N THR B 50 1.55 27.06 -1.40
CA THR B 50 1.53 27.32 0.03
C THR B 50 0.82 26.19 0.77
N PRO B 51 1.40 25.62 1.83
CA PRO B 51 0.66 24.65 2.64
C PRO B 51 -0.45 25.33 3.42
N THR B 52 -1.47 24.54 3.74
CA THR B 52 -2.61 25.01 4.50
C THR B 52 -2.79 24.28 5.82
N THR B 53 -2.34 23.03 5.92
CA THR B 53 -2.29 22.31 7.19
C THR B 53 -0.93 21.64 7.32
N TRP B 54 -0.65 21.13 8.52
CA TRP B 54 0.53 20.32 8.82
C TRP B 54 0.11 19.12 9.66
N SER B 55 0.89 18.05 9.57
CA SER B 55 0.59 16.85 10.33
C SER B 55 1.89 16.22 10.81
N PRO B 56 2.06 15.98 12.11
CA PRO B 56 3.28 15.31 12.56
C PRO B 56 3.26 13.85 12.17
N THR B 57 4.44 13.32 11.86
CA THR B 57 4.65 11.90 11.69
C THR B 57 5.62 11.46 12.78
N PRO B 58 5.73 10.15 13.06
CA PRO B 58 6.68 9.74 14.12
C PRO B 58 8.10 10.20 13.83
N ASP B 59 8.49 10.27 12.56
CA ASP B 59 9.84 10.57 12.12
C ASP B 59 9.97 11.95 11.49
N GLY B 60 8.91 12.74 11.43
CA GLY B 60 9.03 14.03 10.79
C GLY B 60 7.75 14.83 10.81
N LEU B 61 7.47 15.52 9.70
CA LEU B 61 6.34 16.42 9.63
C LEU B 61 5.95 16.63 8.18
N LEU B 62 4.65 16.62 7.91
CA LEU B 62 4.13 16.88 6.57
C LEU B 62 3.52 18.28 6.55
N LEU B 63 3.84 19.06 5.52
CA LEU B 63 3.15 20.30 5.21
C LEU B 63 2.22 19.98 4.05
N ILE B 64 0.91 20.15 4.25
CA ILE B 64 -0.08 19.61 3.32
C ILE B 64 -0.77 20.77 2.61
N GLY B 65 -0.90 20.65 1.29
CA GLY B 65 -1.42 21.71 0.46
C GLY B 65 -2.92 21.87 0.60
N LYS B 66 -3.47 22.83 -0.16
CA LYS B 66 -4.89 23.15 0.02
C LYS B 66 -5.82 22.03 -0.42
N ASP B 67 -5.40 21.13 -1.32
CA ASP B 67 -6.30 20.05 -1.68
C ASP B 67 -6.40 18.99 -0.59
N GLY B 68 -5.73 19.20 0.55
CA GLY B 68 -5.73 18.25 1.65
C GLY B 68 -4.88 17.02 1.43
N SER B 69 -4.13 16.93 0.33
CA SER B 69 -3.40 15.69 0.08
C SER B 69 -1.94 15.93 -0.32
N GLN B 70 -1.68 16.86 -1.25
CA GLN B 70 -0.31 17.10 -1.70
C GLN B 70 0.54 17.64 -0.55
N SER B 71 1.80 17.20 -0.50
CA SER B 71 2.60 17.38 0.71
C SER B 71 4.07 17.60 0.39
N LEU B 72 4.76 18.26 1.32
CA LEU B 72 6.21 18.25 1.44
C LEU B 72 6.55 17.58 2.77
N PHE B 73 7.41 16.57 2.73
CA PHE B 73 7.85 15.90 3.94
C PHE B 73 9.16 16.50 4.42
N LEU B 74 9.28 16.66 5.73
CA LEU B 74 10.54 17.01 6.38
C LEU B 74 10.79 16.03 7.51
N GLU B 75 12.02 15.56 7.61
CA GLU B 75 12.42 14.56 8.60
C GLU B 75 12.94 15.27 9.85
N LEU B 76 12.51 14.78 11.01
CA LEU B 76 12.97 15.32 12.28
C LEU B 76 14.45 14.97 12.46
N ARG B 77 15.31 15.98 12.52
CA ARG B 77 16.74 15.74 12.57
C ARG B 77 17.27 15.70 13.99
N GLU B 78 16.66 16.46 14.89
CA GLU B 78 17.00 16.59 16.30
C GLU B 78 15.87 17.40 16.90
N ALA B 79 15.83 17.46 18.22
CA ALA B 79 14.76 18.17 18.91
C ALA B 79 14.59 19.57 18.33
N GLY B 80 13.38 19.89 17.89
CA GLY B 80 13.10 21.23 17.39
C GLY B 80 13.70 21.55 16.04
N ARG B 81 14.08 20.55 15.25
CA ARG B 81 14.66 20.80 13.92
C ARG B 81 14.23 19.76 12.92
N TYR B 82 13.61 20.20 11.83
CA TYR B 82 13.26 19.36 10.70
C TYR B 82 14.02 19.85 9.46
N GLU B 83 14.30 18.92 8.55
CA GLU B 83 14.95 19.24 7.29
C GLU B 83 14.23 18.56 6.14
N GLY B 84 14.12 19.26 5.02
CA GLY B 84 13.59 18.67 3.81
C GLY B 84 14.28 19.28 2.61
N SER B 85 13.96 18.76 1.44
CA SER B 85 14.58 19.16 0.19
C SER B 85 13.62 20.02 -0.60
N VAL B 86 14.13 21.13 -1.12
CA VAL B 86 13.35 22.02 -1.96
C VAL B 86 14.21 22.44 -3.15
N GLU B 87 13.53 22.86 -4.21
CA GLU B 87 14.18 23.45 -5.38
C GLU B 87 15.27 22.54 -5.92
N GLY B 88 14.92 21.28 -6.08
CA GLY B 88 15.90 20.26 -6.45
C GLY B 88 16.53 19.60 -5.23
N SER B 89 17.76 19.97 -4.92
CA SER B 89 18.49 19.35 -3.82
C SER B 89 18.90 20.36 -2.74
N LYS B 90 18.29 21.55 -2.71
CA LYS B 90 18.54 22.48 -1.62
C LYS B 90 17.94 21.97 -0.33
N THR B 91 18.54 22.37 0.80
CA THR B 91 18.14 21.88 2.12
C THR B 91 17.35 22.96 2.86
N LEU B 92 16.06 22.71 3.05
CA LEU B 92 15.19 23.58 3.83
C LEU B 92 15.25 23.15 5.30
N VAL B 93 15.56 24.11 6.18
CA VAL B 93 15.68 23.89 7.62
C VAL B 93 14.47 24.53 8.30
N MET B 94 13.81 23.78 9.17
CA MET B 94 12.73 24.30 10.00
C MET B 94 13.13 24.09 11.45
N GLN B 95 13.39 25.22 12.15
CA GLN B 95 13.90 25.21 13.51
C GLN B 95 13.04 26.08 14.41
N ARG B 96 12.88 25.66 15.67
CA ARG B 96 12.18 26.46 16.66
C ARG B 96 12.74 27.89 16.72
N ALA B 97 11.84 28.86 16.74
CA ALA B 97 12.24 30.27 16.72
C ALA B 97 12.95 30.66 18.03
#